data_8XFQ
#
_entry.id   8XFQ
#
_cell.length_a   122.050
_cell.length_b   122.050
_cell.length_c   118.650
_cell.angle_alpha   90.000
_cell.angle_beta   90.000
_cell.angle_gamma   120.000
#
_symmetry.space_group_name_H-M   'H 3'
#
loop_
_entity.id
_entity.type
_entity.pdbx_description
1 polymer 'mannuronan 5-epimerase'
2 branched 'beta-D-mannopyranuronic acid-(1-4)-beta-D-mannopyranuronic acid-(1-4)-beta-D-mannopyranuronic acid-(1-4)-beta-D-mannopyranuronic acid-(1-4)-beta-D-mannopyranuronic acid'
3 non-polymer 'CALCIUM ION'
4 non-polymer DI(HYDROXYETHYL)ETHER
5 non-polymer 'TRIETHYLENE GLYCOL'
6 water water
#
_entity_poly.entity_id   1
_entity_poly.type   'polypeptide(L)'
_entity_poly.pdbx_seq_one_letter_code
;MDFDVKDFGAKGDGKSDDTEAIQAAIDAAYEAGGGTVRLSAGEYRVSGGDEASDGALMIKSNVYMDGAGMGETVIKLVDG
WDQKLTGIIRSKNGEKTHDYGIRDLTLDGNQDNTEGEVDGFYTGYIPREDGADYNVTAERVEIREVSRYGFDPHEQTINL
TIRDSVAHNNGKDGFVGDFQIDSTFENNVSHDNGRHGFNIVTSSHDILLRDNVAYGNGANGLVVQRGSEDIAHPYNIQIE
GGAYHDNGAEGVLIKMTSNASLQGAEIYGNDAAGVRVRGVDGMQLLDNDIHDNAQGGGKAEIVLEDYDDRDGVSGNYYET
LNATVQGNRVAGAAQLLSSEGRDLLDGAAGNDLLDGGAGRDTLSGGGGADTFRFADRQDSFRNYEGDTSRVDDIVDFTPG
ADLIDLSGLGYSGLGDGYNGTLALLLNEDGTKTYLKDRQADAQGNHFEIALDGNLVDSLSATDIAFDATQLELLGTTDLQ
TDQVA
;
_entity_poly.pdbx_strand_id   A
#
# COMPACT_ATOMS: atom_id res chain seq x y z
N MET A 1 -2.40 -40.07 2.94
CA MET A 1 -1.77 -40.50 4.19
C MET A 1 -0.45 -39.77 4.42
N ASP A 2 0.20 -40.08 5.54
CA ASP A 2 1.40 -39.37 5.93
C ASP A 2 2.66 -40.05 5.40
N PHE A 3 3.68 -39.23 5.14
CA PHE A 3 5.01 -39.69 4.75
C PHE A 3 6.02 -38.96 5.62
N ASP A 4 6.49 -39.63 6.68
CA ASP A 4 7.50 -39.05 7.56
C ASP A 4 8.84 -39.01 6.85
N VAL A 5 9.59 -37.92 7.07
CA VAL A 5 10.86 -37.73 6.37
C VAL A 5 11.92 -38.72 6.87
N LYS A 6 11.97 -38.96 8.19
CA LYS A 6 12.99 -39.84 8.75
C LYS A 6 12.89 -41.25 8.17
N ASP A 7 11.69 -41.67 7.78
CA ASP A 7 11.51 -42.98 7.14
C ASP A 7 12.10 -43.02 5.74
N PHE A 8 12.55 -41.89 5.21
CA PHE A 8 13.24 -41.84 3.93
C PHE A 8 14.72 -41.51 4.07
N GLY A 9 15.24 -41.53 5.29
CA GLY A 9 16.65 -41.29 5.54
C GLY A 9 17.00 -39.92 6.09
N ALA A 10 16.01 -39.06 6.30
CA ALA A 10 16.28 -37.73 6.84
C ALA A 10 16.74 -37.83 8.29
N LYS A 11 17.79 -37.08 8.62
CA LYS A 11 18.37 -37.10 9.96
C LYS A 11 17.88 -35.95 10.84
N GLY A 12 17.88 -34.73 10.31
CA GLY A 12 17.52 -33.58 11.11
C GLY A 12 18.49 -33.31 12.25
N ASP A 13 19.78 -33.52 12.00
CA ASP A 13 20.80 -33.41 13.03
C ASP A 13 21.55 -32.08 12.99
N GLY A 14 21.26 -31.22 12.01
CA GLY A 14 21.99 -29.99 11.84
C GLY A 14 23.28 -30.10 11.05
N LYS A 15 23.67 -31.31 10.65
CA LYS A 15 24.91 -31.53 9.91
C LYS A 15 24.70 -32.23 8.58
N SER A 16 23.85 -33.25 8.53
CA SER A 16 23.68 -34.04 7.31
C SER A 16 22.81 -33.32 6.29
N ASP A 17 23.13 -33.51 5.01
CA ASP A 17 22.38 -32.91 3.91
C ASP A 17 21.16 -33.79 3.68
N ASP A 18 20.00 -33.31 4.13
CA ASP A 18 18.75 -34.06 4.05
C ASP A 18 17.93 -33.71 2.81
N THR A 19 18.52 -33.02 1.83
CA THR A 19 17.76 -32.55 0.67
C THR A 19 17.15 -33.72 -0.10
N GLU A 20 17.92 -34.79 -0.31
CA GLU A 20 17.42 -35.93 -1.08
C GLU A 20 16.37 -36.71 -0.30
N ALA A 21 16.58 -36.89 1.01
CA ALA A 21 15.64 -37.65 1.81
C ALA A 21 14.30 -36.94 1.93
N ILE A 22 14.32 -35.63 2.14
CA ILE A 22 13.07 -34.88 2.24
C ILE A 22 12.37 -34.80 0.89
N GLN A 23 13.15 -34.62 -0.19
CA GLN A 23 12.58 -34.65 -1.52
C GLN A 23 12.00 -36.01 -1.85
N ALA A 24 12.57 -37.08 -1.28
CA ALA A 24 12.01 -38.42 -1.48
C ALA A 24 10.60 -38.51 -0.91
N ALA A 25 10.39 -37.93 0.27
CA ALA A 25 9.06 -37.95 0.88
C ALA A 25 8.06 -37.16 0.03
N ILE A 26 8.48 -36.04 -0.54
CA ILE A 26 7.61 -35.26 -1.41
C ILE A 26 7.21 -36.08 -2.62
N ASP A 27 8.17 -36.75 -3.25
CA ASP A 27 7.89 -37.53 -4.44
C ASP A 27 6.96 -38.69 -4.13
N ALA A 28 7.18 -39.37 -3.00
CA ALA A 28 6.29 -40.44 -2.59
C ALA A 28 4.88 -39.93 -2.34
N ALA A 29 4.75 -38.78 -1.68
CA ALA A 29 3.45 -38.17 -1.46
C ALA A 29 2.80 -37.76 -2.78
N TYR A 30 3.59 -37.21 -3.70
CA TYR A 30 3.05 -36.81 -5.00
C TYR A 30 2.62 -38.02 -5.81
N GLU A 31 3.41 -39.10 -5.77
CA GLU A 31 3.07 -40.31 -6.51
C GLU A 31 1.82 -40.99 -5.93
N ALA A 32 1.63 -40.91 -4.62
CA ALA A 32 0.44 -41.47 -3.98
C ALA A 32 -0.83 -40.70 -4.30
N GLY A 33 -0.76 -39.72 -5.21
CA GLY A 33 -1.90 -38.87 -5.50
C GLY A 33 -2.09 -37.72 -4.54
N GLY A 34 -1.19 -37.55 -3.58
CA GLY A 34 -1.32 -36.54 -2.56
C GLY A 34 -1.04 -37.09 -1.18
N GLY A 35 -0.74 -36.22 -0.23
CA GLY A 35 -0.45 -36.66 1.12
C GLY A 35 0.33 -35.59 1.87
N THR A 36 0.56 -35.89 3.14
CA THR A 36 1.26 -34.98 4.05
C THR A 36 2.67 -35.48 4.30
N VAL A 37 3.65 -34.63 4.03
CA VAL A 37 5.04 -34.90 4.39
C VAL A 37 5.28 -34.31 5.77
N ARG A 38 5.56 -35.18 6.74
CA ARG A 38 5.68 -34.79 8.13
C ARG A 38 7.14 -34.75 8.56
N LEU A 39 7.50 -33.73 9.32
CA LEU A 39 8.85 -33.58 9.87
C LEU A 39 8.74 -33.35 11.37
N SER A 40 9.32 -34.26 12.16
CA SER A 40 9.41 -34.04 13.58
C SER A 40 10.44 -32.95 13.87
N ALA A 41 10.57 -32.59 15.15
CA ALA A 41 11.45 -31.50 15.52
C ALA A 41 12.90 -31.81 15.15
N GLY A 42 13.67 -30.77 14.94
CA GLY A 42 15.07 -30.88 14.55
C GLY A 42 15.41 -29.90 13.44
N GLU A 43 16.70 -29.70 13.22
CA GLU A 43 17.19 -28.81 12.17
C GLU A 43 17.69 -29.65 11.00
N TYR A 44 17.11 -29.42 9.82
CA TYR A 44 17.38 -30.23 8.64
C TYR A 44 18.18 -29.37 7.66
N ARG A 45 19.44 -29.74 7.44
CA ARG A 45 20.27 -29.03 6.47
C ARG A 45 19.87 -29.39 5.05
N VAL A 46 19.99 -28.42 4.15
CA VAL A 46 19.53 -28.57 2.78
C VAL A 46 20.45 -27.77 1.86
N SER A 47 20.68 -28.29 0.66
CA SER A 47 21.49 -27.64 -0.35
C SER A 47 20.68 -27.42 -1.62
N GLY A 48 21.20 -26.56 -2.50
CA GLY A 48 20.56 -26.26 -3.76
C GLY A 48 20.95 -27.26 -4.85
N GLY A 49 20.48 -26.95 -6.06
CA GLY A 49 20.77 -27.80 -7.20
C GLY A 49 21.80 -27.20 -8.13
N ASP A 50 21.77 -27.59 -9.41
CA ASP A 50 22.70 -27.01 -10.38
C ASP A 50 22.42 -25.52 -10.57
N GLU A 51 21.18 -25.16 -10.85
CA GLU A 51 20.83 -23.80 -11.21
C GLU A 51 19.91 -23.19 -10.15
N ALA A 52 19.71 -21.88 -10.28
CA ALA A 52 18.90 -21.15 -9.31
C ALA A 52 17.43 -21.57 -9.38
N SER A 53 16.95 -21.86 -10.58
CA SER A 53 15.55 -22.25 -10.75
C SER A 53 15.24 -23.59 -10.10
N ASP A 54 16.26 -24.39 -9.80
CA ASP A 54 16.02 -25.65 -9.10
C ASP A 54 15.65 -25.42 -7.64
N GLY A 55 15.99 -24.28 -7.07
CA GLY A 55 15.75 -24.07 -5.67
C GLY A 55 16.51 -25.08 -4.83
N ALA A 56 15.91 -25.49 -3.72
CA ALA A 56 16.49 -26.53 -2.88
C ALA A 56 15.56 -27.73 -2.75
N LEU A 57 14.32 -27.52 -2.32
CA LEU A 57 13.30 -28.57 -2.29
C LEU A 57 12.15 -28.18 -3.20
N MET A 58 11.65 -29.17 -3.95
CA MET A 58 10.61 -28.95 -4.95
C MET A 58 9.33 -29.58 -4.44
N ILE A 59 8.40 -28.75 -3.98
CA ILE A 59 7.08 -29.24 -3.57
C ILE A 59 6.22 -29.44 -4.81
N LYS A 60 5.30 -30.39 -4.73
CA LYS A 60 4.51 -30.81 -5.89
C LYS A 60 3.03 -30.76 -5.56
N SER A 61 2.22 -30.96 -6.59
CA SER A 61 0.77 -30.81 -6.46
C SER A 61 0.22 -31.81 -5.45
N ASN A 62 -0.73 -31.34 -4.63
CA ASN A 62 -1.42 -32.13 -3.61
C ASN A 62 -0.51 -32.60 -2.49
N VAL A 63 0.67 -31.98 -2.34
CA VAL A 63 1.63 -32.34 -1.29
C VAL A 63 1.70 -31.21 -0.28
N TYR A 64 1.56 -31.55 1.00
CA TYR A 64 1.63 -30.59 2.09
C TYR A 64 2.72 -30.99 3.06
N MET A 65 3.55 -30.04 3.46
CA MET A 65 4.62 -30.28 4.43
C MET A 65 4.20 -29.73 5.79
N ASP A 66 4.21 -30.59 6.79
CA ASP A 66 3.81 -30.24 8.15
C ASP A 66 4.94 -30.55 9.11
N GLY A 67 5.49 -29.51 9.73
CA GLY A 67 6.51 -29.66 10.75
C GLY A 67 5.92 -29.65 12.16
N ALA A 68 6.82 -29.67 13.13
CA ALA A 68 6.44 -29.67 14.54
C ALA A 68 6.18 -28.27 15.08
N GLY A 69 6.36 -27.22 14.28
CA GLY A 69 6.08 -25.87 14.71
C GLY A 69 7.18 -24.88 14.36
N MET A 70 6.85 -23.60 14.38
CA MET A 70 7.86 -22.57 14.20
C MET A 70 8.93 -22.71 15.28
N GLY A 71 10.19 -22.81 14.85
CA GLY A 71 11.30 -23.00 15.77
C GLY A 71 11.61 -24.45 16.08
N GLU A 72 10.62 -25.34 16.00
CA GLU A 72 10.86 -26.76 16.27
C GLU A 72 11.44 -27.46 15.04
N THR A 73 10.76 -27.37 13.91
CA THR A 73 11.28 -27.86 12.64
C THR A 73 11.91 -26.70 11.89
N VAL A 74 13.21 -26.81 11.60
CA VAL A 74 13.95 -25.76 10.92
C VAL A 74 14.62 -26.40 9.70
N ILE A 75 14.30 -25.87 8.51
CA ILE A 75 14.96 -26.28 7.27
C ILE A 75 15.96 -25.18 6.93
N LYS A 76 17.26 -25.49 7.05
CA LYS A 76 18.30 -24.48 6.95
C LYS A 76 19.29 -24.83 5.86
N LEU A 77 19.64 -23.81 5.06
CA LEU A 77 20.61 -24.00 3.99
C LEU A 77 21.99 -24.31 4.55
N VAL A 78 22.70 -25.22 3.88
CA VAL A 78 23.99 -25.69 4.38
C VAL A 78 24.98 -24.53 4.46
N ASP A 79 25.94 -24.67 5.38
CA ASP A 79 27.04 -23.71 5.43
C ASP A 79 27.83 -23.76 4.13
N GLY A 80 28.28 -22.59 3.68
CA GLY A 80 29.17 -22.50 2.55
C GLY A 80 28.51 -22.56 1.18
N TRP A 81 27.19 -22.61 1.09
CA TRP A 81 26.55 -22.51 -0.21
C TRP A 81 26.80 -21.13 -0.81
N ASP A 82 27.09 -21.11 -2.11
CA ASP A 82 27.54 -19.89 -2.74
C ASP A 82 26.89 -19.67 -4.11
N GLN A 83 25.66 -20.11 -4.29
CA GLN A 83 24.96 -19.95 -5.56
C GLN A 83 23.58 -19.35 -5.31
N LYS A 84 23.13 -18.55 -6.28
CA LYS A 84 21.78 -18.02 -6.22
C LYS A 84 20.79 -19.16 -6.14
N LEU A 85 19.86 -19.07 -5.19
CA LEU A 85 18.90 -20.15 -4.92
C LEU A 85 17.51 -19.54 -4.81
N THR A 86 16.69 -19.72 -5.85
CA THR A 86 15.37 -19.12 -5.96
C THR A 86 14.34 -20.08 -5.36
N GLY A 87 14.19 -20.00 -4.04
CA GLY A 87 13.20 -20.79 -3.34
C GLY A 87 13.76 -22.00 -2.62
N ILE A 88 13.99 -21.87 -1.31
CA ILE A 88 14.42 -23.01 -0.51
C ILE A 88 13.40 -24.13 -0.60
N ILE A 89 12.11 -23.76 -0.51
CA ILE A 89 11.01 -24.61 -0.95
C ILE A 89 10.33 -23.89 -2.10
N ARG A 90 10.13 -24.59 -3.22
CA ARG A 90 9.57 -23.95 -4.40
C ARG A 90 8.82 -24.97 -5.24
N SER A 91 8.00 -24.46 -6.16
CA SER A 91 7.35 -25.27 -7.17
C SER A 91 8.07 -25.11 -8.50
N LYS A 92 7.88 -26.09 -9.38
CA LYS A 92 8.65 -26.15 -10.62
C LYS A 92 8.24 -25.04 -11.58
N ASN A 93 9.25 -24.39 -12.17
CA ASN A 93 9.01 -23.46 -13.26
C ASN A 93 8.38 -24.19 -14.44
N GLY A 94 7.38 -23.57 -15.05
CA GLY A 94 6.73 -24.16 -16.20
C GLY A 94 5.70 -25.23 -15.88
N GLU A 95 5.38 -25.43 -14.60
CA GLU A 95 4.34 -26.36 -14.19
C GLU A 95 3.30 -25.61 -13.37
N LYS A 96 2.02 -25.91 -13.61
CA LYS A 96 0.93 -25.33 -12.83
C LYS A 96 0.71 -26.19 -11.60
N THR A 97 1.56 -25.97 -10.59
CA THR A 97 1.46 -26.70 -9.34
C THR A 97 0.28 -26.18 -8.54
N HIS A 98 -0.45 -27.09 -7.91
CA HIS A 98 -1.69 -26.70 -7.27
C HIS A 98 -1.96 -27.54 -6.02
N ASP A 99 -2.77 -26.98 -5.14
CA ASP A 99 -3.26 -27.67 -3.94
C ASP A 99 -2.10 -28.18 -3.08
N TYR A 100 -1.06 -27.38 -2.97
CA TYR A 100 0.07 -27.70 -2.11
C TYR A 100 0.24 -26.62 -1.05
N GLY A 101 1.08 -26.91 -0.07
CA GLY A 101 1.30 -25.94 0.99
C GLY A 101 2.32 -26.44 1.99
N ILE A 102 2.62 -25.56 2.93
CA ILE A 102 3.59 -25.83 3.99
C ILE A 102 3.05 -25.21 5.29
N ARG A 103 3.20 -25.95 6.39
CA ARG A 103 2.71 -25.48 7.69
C ARG A 103 3.73 -25.80 8.78
N ASP A 104 3.75 -24.93 9.80
CA ASP A 104 4.38 -25.20 11.09
C ASP A 104 5.85 -25.59 10.94
N LEU A 105 6.62 -24.71 10.30
CA LEU A 105 8.04 -24.97 10.11
C LEU A 105 8.76 -23.64 9.92
N THR A 106 10.08 -23.69 10.03
CA THR A 106 10.94 -22.52 9.87
C THR A 106 11.89 -22.77 8.72
N LEU A 107 12.00 -21.77 7.82
CA LEU A 107 13.01 -21.77 6.78
C LEU A 107 14.08 -20.76 7.17
N ASP A 108 15.33 -21.24 7.25
CA ASP A 108 16.46 -20.41 7.64
C ASP A 108 17.43 -20.33 6.46
N GLY A 109 17.64 -19.11 5.96
CA GLY A 109 18.49 -18.92 4.79
C GLY A 109 19.97 -18.92 5.04
N ASN A 110 20.40 -18.82 6.31
CA ASN A 110 21.81 -18.95 6.68
C ASN A 110 22.69 -17.99 5.88
N GLN A 111 22.26 -16.73 5.80
CA GLN A 111 23.00 -15.74 5.02
C GLN A 111 24.34 -15.40 5.64
N ASP A 112 24.52 -15.64 6.94
CA ASP A 112 25.81 -15.39 7.56
C ASP A 112 26.89 -16.28 6.99
N ASN A 113 26.56 -17.55 6.71
CA ASN A 113 27.52 -18.53 6.22
C ASN A 113 27.25 -18.95 4.78
N THR A 114 26.55 -18.10 4.01
CA THR A 114 26.32 -18.34 2.60
C THR A 114 26.52 -17.03 1.85
N GLU A 115 26.60 -17.14 0.52
CA GLU A 115 26.62 -15.96 -0.34
C GLU A 115 25.78 -16.25 -1.58
N GLY A 116 25.13 -15.22 -2.09
CA GLY A 116 24.25 -15.34 -3.23
C GLY A 116 22.81 -15.09 -2.83
N GLU A 117 22.03 -14.58 -3.80
CA GLU A 117 20.64 -14.23 -3.54
C GLU A 117 19.82 -15.48 -3.25
N VAL A 118 19.20 -15.51 -2.07
CA VAL A 118 18.44 -16.67 -1.60
C VAL A 118 17.02 -16.21 -1.29
N ASP A 119 16.04 -16.93 -1.81
CA ASP A 119 14.63 -16.69 -1.52
C ASP A 119 14.06 -17.91 -0.80
N GLY A 120 13.18 -17.68 0.17
CA GLY A 120 12.67 -18.75 1.00
C GLY A 120 11.60 -19.61 0.35
N PHE A 121 10.47 -19.00 0.00
CA PHE A 121 9.30 -19.72 -0.51
C PHE A 121 8.90 -19.11 -1.84
N TYR A 122 9.03 -19.88 -2.92
CA TYR A 122 8.84 -19.37 -4.28
C TYR A 122 7.78 -20.20 -4.99
N THR A 123 6.80 -19.53 -5.58
CA THR A 123 5.73 -20.18 -6.32
C THR A 123 5.58 -19.51 -7.67
N GLY A 124 4.73 -20.06 -8.52
CA GLY A 124 4.42 -19.47 -9.81
C GLY A 124 4.75 -20.39 -10.96
N TYR A 125 4.43 -19.92 -12.17
CA TYR A 125 4.50 -20.77 -13.36
C TYR A 125 5.61 -20.34 -14.30
N ILE A 126 5.53 -19.15 -14.91
CA ILE A 126 6.53 -18.67 -15.87
C ILE A 126 6.40 -17.15 -15.96
N PRO A 127 7.48 -16.40 -15.74
CA PRO A 127 7.39 -14.94 -15.86
C PRO A 127 6.93 -14.51 -17.24
N ARG A 128 5.99 -13.55 -17.27
CA ARG A 128 5.49 -12.91 -18.48
C ARG A 128 4.82 -13.90 -19.44
N GLU A 129 4.28 -15.00 -18.91
CA GLU A 129 3.48 -15.92 -19.70
C GLU A 129 2.19 -16.23 -18.95
N ASP A 130 1.17 -16.64 -19.71
CA ASP A 130 -0.10 -17.02 -19.11
C ASP A 130 0.02 -18.38 -18.45
N GLY A 131 -0.66 -18.53 -17.32
CA GLY A 131 -0.59 -19.76 -16.53
C GLY A 131 -0.32 -19.42 -15.09
N ALA A 132 -0.74 -20.31 -14.19
CA ALA A 132 -0.62 -20.00 -12.77
C ALA A 132 -0.59 -21.27 -11.93
N ASP A 133 0.14 -21.18 -10.82
CA ASP A 133 -0.13 -22.04 -9.68
C ASP A 133 -1.45 -21.65 -9.05
N TYR A 134 -2.03 -22.55 -8.27
CA TYR A 134 -3.26 -22.19 -7.56
C TYR A 134 -3.44 -23.03 -6.30
N ASN A 135 -4.26 -22.50 -5.40
CA ASN A 135 -4.60 -23.15 -4.14
C ASN A 135 -3.35 -23.51 -3.33
N VAL A 136 -2.64 -22.46 -2.93
CA VAL A 136 -1.38 -22.58 -2.20
C VAL A 136 -1.58 -22.03 -0.79
N THR A 137 -1.09 -22.76 0.21
CA THR A 137 -1.29 -22.41 1.60
C THR A 137 0.04 -22.36 2.33
N ALA A 138 0.21 -21.34 3.17
CA ALA A 138 1.29 -21.30 4.15
C ALA A 138 0.68 -20.90 5.49
N GLU A 139 0.87 -21.75 6.50
CA GLU A 139 0.25 -21.55 7.80
C GLU A 139 1.30 -21.66 8.90
N ARG A 140 1.39 -20.63 9.73
CA ARG A 140 2.25 -20.64 10.92
C ARG A 140 3.69 -20.98 10.54
N VAL A 141 4.28 -20.14 9.70
CA VAL A 141 5.56 -20.44 9.08
C VAL A 141 6.51 -19.27 9.29
N GLU A 142 7.73 -19.57 9.70
CA GLU A 142 8.76 -18.59 9.93
C GLU A 142 9.82 -18.70 8.83
N ILE A 143 10.10 -17.60 8.16
CA ILE A 143 11.15 -17.55 7.13
C ILE A 143 12.11 -16.44 7.53
N ARG A 144 13.39 -16.79 7.66
CA ARG A 144 14.35 -15.88 8.25
C ARG A 144 15.72 -16.10 7.64
N GLU A 145 16.54 -15.05 7.72
CA GLU A 145 17.96 -15.08 7.37
C GLU A 145 18.21 -15.49 5.92
N VAL A 146 17.21 -15.38 5.05
CA VAL A 146 17.48 -15.51 3.62
C VAL A 146 18.05 -14.20 3.12
N SER A 147 18.92 -14.28 2.12
CA SER A 147 19.65 -13.10 1.70
C SER A 147 18.79 -12.13 0.89
N ARG A 148 17.73 -12.57 0.22
CA ARG A 148 16.88 -11.62 -0.52
C ARG A 148 15.43 -11.59 -0.07
N TYR A 149 14.63 -12.62 -0.34
CA TYR A 149 13.18 -12.52 -0.18
C TYR A 149 12.69 -13.68 0.67
N GLY A 150 11.95 -13.38 1.74
CA GLY A 150 11.47 -14.44 2.60
C GLY A 150 10.33 -15.26 2.02
N PHE A 151 9.13 -14.69 1.97
CA PHE A 151 8.01 -15.28 1.25
C PHE A 151 7.97 -14.62 -0.13
N ASP A 152 8.15 -15.41 -1.18
CA ASP A 152 8.27 -14.87 -2.54
C ASP A 152 7.37 -15.62 -3.52
N PRO A 153 6.05 -15.69 -3.26
CA PRO A 153 5.15 -16.25 -4.26
C PRO A 153 5.13 -15.36 -5.49
N HIS A 154 5.22 -16.00 -6.67
CA HIS A 154 5.58 -15.28 -7.87
C HIS A 154 4.58 -15.55 -8.99
N GLU A 155 4.87 -14.95 -10.15
CA GLU A 155 3.95 -14.89 -11.27
C GLU A 155 3.78 -16.26 -11.92
N GLN A 156 2.54 -16.72 -12.08
CA GLN A 156 1.35 -16.20 -11.40
C GLN A 156 0.89 -17.22 -10.36
N THR A 157 0.29 -16.75 -9.27
CA THR A 157 -0.31 -17.64 -8.30
C THR A 157 -1.71 -17.16 -7.96
N ILE A 158 -2.69 -18.06 -8.07
CA ILE A 158 -4.09 -17.77 -7.77
C ILE A 158 -4.46 -18.48 -6.47
N ASN A 159 -5.19 -17.77 -5.61
CA ASN A 159 -5.63 -18.30 -4.32
C ASN A 159 -4.44 -18.77 -3.47
N LEU A 160 -3.47 -17.89 -3.32
CA LEU A 160 -2.44 -18.08 -2.30
C LEU A 160 -2.97 -17.60 -0.96
N THR A 161 -2.72 -18.38 0.08
CA THR A 161 -3.03 -17.96 1.44
C THR A 161 -1.77 -18.06 2.28
N ILE A 162 -1.44 -16.99 2.98
CA ILE A 162 -0.41 -16.99 4.00
C ILE A 162 -1.02 -16.38 5.26
N ARG A 163 -1.11 -17.17 6.32
CA ARG A 163 -1.68 -16.70 7.57
C ARG A 163 -0.82 -17.14 8.74
N ASP A 164 -0.80 -16.29 9.78
CA ASP A 164 -0.17 -16.59 11.05
C ASP A 164 1.31 -16.92 10.91
N SER A 165 1.95 -16.31 9.92
CA SER A 165 3.35 -16.58 9.58
C SER A 165 4.21 -15.38 9.95
N VAL A 166 5.53 -15.60 9.93
CA VAL A 166 6.50 -14.57 10.30
C VAL A 166 7.64 -14.58 9.27
N ALA A 167 8.03 -13.39 8.82
CA ALA A 167 9.27 -13.20 8.07
C ALA A 167 10.09 -12.14 8.78
N HIS A 168 11.34 -12.45 9.09
CA HIS A 168 12.16 -11.47 9.79
C HIS A 168 13.63 -11.69 9.45
N ASN A 169 14.40 -10.61 9.58
CA ASN A 169 15.84 -10.63 9.42
C ASN A 169 16.25 -11.21 8.07
N ASN A 170 15.49 -10.84 7.04
CA ASN A 170 15.80 -11.24 5.67
C ASN A 170 16.46 -10.09 4.94
N GLY A 171 17.20 -10.44 3.90
CA GLY A 171 18.07 -9.46 3.25
C GLY A 171 17.31 -8.31 2.61
N LYS A 172 16.23 -8.61 1.89
CA LYS A 172 15.47 -7.53 1.25
C LYS A 172 14.04 -7.40 1.76
N ASP A 173 13.15 -8.32 1.39
CA ASP A 173 11.72 -8.16 1.66
C ASP A 173 11.21 -9.40 2.37
N GLY A 174 10.47 -9.19 3.47
CA GLY A 174 9.89 -10.31 4.18
C GLY A 174 8.85 -11.05 3.35
N PHE A 175 7.89 -10.30 2.80
CA PHE A 175 6.84 -10.85 1.95
C PHE A 175 6.85 -10.10 0.63
N VAL A 176 6.80 -10.85 -0.47
CA VAL A 176 6.60 -10.28 -1.79
C VAL A 176 5.43 -11.00 -2.43
N GLY A 177 4.41 -10.26 -2.84
CA GLY A 177 3.37 -10.83 -3.66
C GLY A 177 3.53 -10.41 -5.10
N ASP A 178 4.10 -11.28 -5.92
CA ASP A 178 4.43 -10.95 -7.31
C ASP A 178 3.41 -11.63 -8.22
N PHE A 179 2.53 -10.82 -8.82
CA PHE A 179 1.40 -11.32 -9.62
C PHE A 179 0.62 -12.38 -8.88
N GLN A 180 0.24 -12.06 -7.65
CA GLN A 180 -0.72 -12.87 -6.92
C GLN A 180 -2.13 -12.44 -7.30
N ILE A 181 -3.01 -13.43 -7.46
CA ILE A 181 -4.39 -13.21 -7.87
C ILE A 181 -5.30 -13.87 -6.85
N ASP A 182 -6.31 -13.13 -6.41
CA ASP A 182 -7.38 -13.69 -5.58
C ASP A 182 -6.79 -14.37 -4.34
N SER A 183 -5.95 -13.63 -3.61
CA SER A 183 -5.11 -14.21 -2.57
C SER A 183 -5.24 -13.43 -1.27
N THR A 184 -4.73 -14.05 -0.20
CA THR A 184 -4.96 -13.56 1.17
C THR A 184 -3.67 -13.63 1.97
N PHE A 185 -3.26 -12.49 2.55
CA PHE A 185 -2.23 -12.41 3.57
C PHE A 185 -2.91 -11.96 4.86
N GLU A 186 -3.01 -12.85 5.85
CA GLU A 186 -3.77 -12.53 7.06
C GLU A 186 -2.95 -12.81 8.31
N ASN A 187 -2.96 -11.87 9.25
CA ASN A 187 -2.39 -12.03 10.59
C ASN A 187 -0.93 -12.49 10.53
N ASN A 188 -0.15 -11.83 9.69
CA ASN A 188 1.27 -12.10 9.56
C ASN A 188 2.07 -10.96 10.18
N VAL A 189 3.32 -11.26 10.53
CA VAL A 189 4.27 -10.29 11.05
C VAL A 189 5.50 -10.32 10.16
N SER A 190 5.92 -9.15 9.69
CA SER A 190 7.13 -9.01 8.89
C SER A 190 7.97 -7.90 9.51
N HIS A 191 9.11 -8.25 10.08
CA HIS A 191 9.86 -7.28 10.85
C HIS A 191 11.37 -7.43 10.65
N ASP A 192 12.07 -6.30 10.81
CA ASP A 192 13.54 -6.26 10.77
C ASP A 192 14.09 -6.90 9.50
N ASN A 193 13.46 -6.60 8.38
CA ASN A 193 13.96 -7.02 7.07
C ASN A 193 14.78 -5.89 6.46
N GLY A 194 15.62 -6.27 5.50
CA GLY A 194 16.50 -5.29 4.87
C GLY A 194 15.74 -4.17 4.19
N ARG A 195 14.71 -4.51 3.41
CA ARG A 195 13.98 -3.43 2.78
C ARG A 195 12.52 -3.31 3.22
N HIS A 196 11.65 -4.22 2.77
CA HIS A 196 10.22 -4.04 2.92
C HIS A 196 9.63 -5.11 3.82
N GLY A 197 8.66 -4.72 4.63
CA GLY A 197 7.85 -5.69 5.35
C GLY A 197 7.03 -6.51 4.36
N PHE A 198 6.12 -5.84 3.65
CA PHE A 198 5.30 -6.46 2.62
C PHE A 198 5.43 -5.67 1.34
N ASN A 199 5.41 -6.36 0.21
CA ASN A 199 5.59 -5.73 -1.10
C ASN A 199 4.69 -6.43 -2.11
N ILE A 200 3.55 -5.82 -2.41
CA ILE A 200 2.63 -6.32 -3.43
C ILE A 200 2.98 -5.61 -4.74
N VAL A 201 3.24 -6.38 -5.78
CA VAL A 201 3.88 -5.87 -6.99
C VAL A 201 3.48 -6.74 -8.18
N THR A 202 3.74 -6.23 -9.39
CA THR A 202 3.64 -6.96 -10.65
C THR A 202 2.21 -7.47 -10.88
N SER A 203 1.30 -6.51 -11.06
CA SER A 203 -0.05 -6.73 -11.57
C SER A 203 -0.93 -7.53 -10.62
N SER A 204 -0.52 -7.74 -9.36
CA SER A 204 -1.33 -8.48 -8.41
C SER A 204 -2.70 -7.83 -8.26
N HIS A 205 -3.75 -8.64 -8.20
CA HIS A 205 -5.07 -8.06 -8.04
C HIS A 205 -5.98 -8.95 -7.22
N ASP A 206 -7.00 -8.32 -6.63
CA ASP A 206 -7.92 -8.95 -5.68
C ASP A 206 -7.14 -9.60 -4.53
N ILE A 207 -6.46 -8.75 -3.77
CA ILE A 207 -5.65 -9.16 -2.63
C ILE A 207 -6.28 -8.60 -1.37
N LEU A 208 -6.38 -9.44 -0.34
CA LEU A 208 -6.78 -9.00 0.99
C LEU A 208 -5.56 -9.08 1.91
N LEU A 209 -5.26 -7.98 2.58
CA LEU A 209 -4.16 -7.89 3.54
C LEU A 209 -4.80 -7.53 4.88
N ARG A 210 -5.08 -8.55 5.69
CA ARG A 210 -5.90 -8.39 6.89
C ARG A 210 -5.04 -8.60 8.13
N ASP A 211 -5.03 -7.59 9.00
CA ASP A 211 -4.43 -7.68 10.34
C ASP A 211 -2.96 -8.11 10.29
N ASN A 212 -2.24 -7.64 9.26
CA ASN A 212 -0.82 -7.87 9.17
C ASN A 212 -0.07 -6.79 9.94
N VAL A 213 1.15 -7.13 10.39
CA VAL A 213 1.98 -6.25 11.20
C VAL A 213 3.36 -6.17 10.57
N ALA A 214 3.91 -4.96 10.48
CA ALA A 214 5.23 -4.76 9.90
C ALA A 214 5.97 -3.69 10.69
N TYR A 215 7.17 -4.02 11.17
CA TYR A 215 7.94 -3.07 11.95
C TYR A 215 9.43 -3.30 11.75
N GLY A 216 10.21 -2.25 12.00
CA GLY A 216 11.66 -2.36 11.98
C GLY A 216 12.28 -2.66 10.64
N ASN A 217 11.54 -2.55 9.55
CA ASN A 217 12.09 -2.81 8.23
C ASN A 217 12.82 -1.57 7.71
N GLY A 218 13.87 -1.81 6.91
CA GLY A 218 14.70 -0.72 6.42
C GLY A 218 13.99 0.24 5.50
N ALA A 219 12.84 -0.15 4.97
CA ALA A 219 12.05 0.61 4.01
C ALA A 219 10.59 0.48 4.43
N ASN A 220 9.67 0.59 3.47
CA ASN A 220 8.24 0.59 3.78
C ASN A 220 7.83 -0.61 4.63
N GLY A 221 6.89 -0.38 5.55
CA GLY A 221 6.22 -1.49 6.19
C GLY A 221 5.38 -2.28 5.21
N LEU A 222 4.63 -1.58 4.36
CA LEU A 222 3.89 -2.20 3.26
C LEU A 222 3.96 -1.27 2.07
N VAL A 223 4.31 -1.81 0.90
CA VAL A 223 4.29 -1.06 -0.34
C VAL A 223 3.47 -1.85 -1.36
N VAL A 224 2.57 -1.15 -2.04
CA VAL A 224 1.78 -1.68 -3.15
C VAL A 224 2.15 -0.85 -4.37
N GLN A 225 2.64 -1.50 -5.42
CA GLN A 225 3.28 -0.75 -6.50
C GLN A 225 3.21 -1.53 -7.80
N ARG A 226 3.32 -0.79 -8.90
CA ARG A 226 3.41 -1.40 -10.23
C ARG A 226 4.71 -2.18 -10.39
N GLY A 227 5.81 -1.65 -9.90
CA GLY A 227 7.13 -2.18 -10.19
C GLY A 227 7.82 -1.40 -11.29
N SER A 228 8.98 -1.91 -11.69
CA SER A 228 9.88 -1.18 -12.57
C SER A 228 9.49 -1.25 -14.05
N GLU A 229 8.55 -2.12 -14.44
CA GLU A 229 8.26 -2.31 -15.85
C GLU A 229 6.87 -1.79 -16.20
N ASP A 230 6.69 -1.52 -17.50
CA ASP A 230 5.45 -0.98 -18.04
C ASP A 230 4.47 -2.14 -18.26
N ILE A 231 3.86 -2.58 -17.16
CA ILE A 231 2.87 -3.65 -17.19
C ILE A 231 1.64 -3.17 -16.44
N ALA A 232 0.58 -3.99 -16.48
CA ALA A 232 -0.67 -3.65 -15.84
C ALA A 232 -0.47 -3.39 -14.36
N HIS A 233 -1.09 -2.31 -13.89
CA HIS A 233 -0.99 -1.95 -12.48
C HIS A 233 -1.74 -2.96 -11.61
N PRO A 234 -1.33 -3.12 -10.35
CA PRO A 234 -2.18 -3.87 -9.42
C PRO A 234 -3.49 -3.13 -9.20
N TYR A 235 -4.51 -3.88 -8.79
CA TYR A 235 -5.80 -3.28 -8.50
C TYR A 235 -6.56 -4.17 -7.53
N ASN A 236 -7.59 -3.60 -6.91
CA ASN A 236 -8.41 -4.30 -5.92
C ASN A 236 -7.54 -4.84 -4.79
N ILE A 237 -6.95 -3.91 -4.05
CA ILE A 237 -6.08 -4.23 -2.92
C ILE A 237 -6.74 -3.71 -1.65
N GLN A 238 -7.14 -4.61 -0.77
CA GLN A 238 -7.86 -4.24 0.45
C GLN A 238 -6.93 -4.49 1.64
N ILE A 239 -6.50 -3.41 2.28
CA ILE A 239 -5.64 -3.49 3.46
C ILE A 239 -6.51 -3.16 4.67
N GLU A 240 -6.63 -4.13 5.58
CA GLU A 240 -7.55 -4.08 6.70
C GLU A 240 -6.80 -4.33 8.00
N GLY A 241 -6.98 -3.43 8.96
CA GLY A 241 -6.44 -3.64 10.30
C GLY A 241 -4.92 -3.73 10.32
N GLY A 242 -4.42 -4.31 11.41
CA GLY A 242 -3.00 -4.51 11.56
C GLY A 242 -2.28 -3.23 11.97
N ALA A 243 -0.96 -3.25 11.79
CA ALA A 243 -0.11 -2.17 12.27
C ALA A 243 1.16 -2.12 11.45
N TYR A 244 1.55 -0.91 11.03
CA TYR A 244 2.72 -0.68 10.19
C TYR A 244 3.51 0.43 10.86
N HIS A 245 4.56 0.08 11.58
CA HIS A 245 5.16 1.03 12.50
C HIS A 245 6.67 0.87 12.57
N ASP A 246 7.35 1.97 12.91
CA ASP A 246 8.79 2.00 13.15
C ASP A 246 9.58 1.41 11.97
N ASN A 247 9.23 1.82 10.76
CA ASN A 247 9.94 1.41 9.57
C ASN A 247 10.78 2.56 9.04
N GLY A 248 11.79 2.22 8.23
CA GLY A 248 12.76 3.18 7.74
C GLY A 248 12.26 4.11 6.65
N ALA A 249 11.05 3.87 6.16
CA ALA A 249 10.41 4.66 5.11
C ALA A 249 8.95 4.82 5.53
N GLU A 250 8.09 5.09 4.55
CA GLU A 250 6.66 5.21 4.84
C GLU A 250 6.13 3.94 5.47
N GLY A 251 5.16 4.09 6.37
CA GLY A 251 4.47 2.93 6.91
C GLY A 251 3.74 2.16 5.84
N VAL A 252 2.91 2.85 5.06
CA VAL A 252 2.24 2.28 3.91
C VAL A 252 2.44 3.20 2.72
N LEU A 253 2.96 2.65 1.63
CA LEU A 253 3.13 3.37 0.38
C LEU A 253 2.34 2.64 -0.70
N ILE A 254 1.50 3.37 -1.42
CA ILE A 254 0.71 2.84 -2.52
C ILE A 254 0.97 3.71 -3.73
N LYS A 255 1.48 3.12 -4.80
CA LYS A 255 1.74 3.89 -6.02
C LYS A 255 1.32 3.10 -7.26
N MET A 256 0.78 3.83 -8.24
CA MET A 256 0.33 3.28 -9.52
C MET A 256 -0.50 2.02 -9.32
N THR A 257 -1.59 2.19 -8.57
CA THR A 257 -2.53 1.13 -8.24
C THR A 257 -3.92 1.68 -8.45
N SER A 258 -4.88 0.80 -8.73
CA SER A 258 -6.27 1.16 -8.87
C SER A 258 -7.10 0.48 -7.80
N ASN A 259 -8.10 1.19 -7.28
CA ASN A 259 -9.03 0.64 -6.28
CA ASN A 259 -9.03 0.64 -6.28
C ASN A 259 -8.29 -0.01 -5.11
N ALA A 260 -7.54 0.82 -4.39
CA ALA A 260 -6.88 0.39 -3.18
C ALA A 260 -7.65 0.91 -1.98
N SER A 261 -7.58 0.17 -0.87
CA SER A 261 -8.28 0.55 0.35
C SER A 261 -7.37 0.26 1.53
N LEU A 262 -7.27 1.21 2.45
CA LEU A 262 -6.51 1.05 3.68
C LEU A 262 -7.41 1.49 4.83
N GLN A 263 -7.80 0.53 5.67
CA GLN A 263 -8.82 0.76 6.69
C GLN A 263 -8.41 0.17 8.02
N GLY A 264 -8.63 0.92 9.10
CA GLY A 264 -8.51 0.41 10.45
C GLY A 264 -7.13 -0.01 10.88
N ALA A 265 -6.08 0.64 10.36
CA ALA A 265 -4.71 0.29 10.70
C ALA A 265 -4.13 1.27 11.70
N GLU A 266 -3.16 0.80 12.47
CA GLU A 266 -2.36 1.63 13.36
C GLU A 266 -1.02 1.88 12.70
N ILE A 267 -0.69 3.15 12.45
CA ILE A 267 0.47 3.53 11.64
C ILE A 267 1.23 4.61 12.39
N TYR A 268 2.43 4.28 12.89
CA TYR A 268 3.14 5.20 13.78
C TYR A 268 4.64 4.94 13.72
N GLY A 269 5.40 5.94 14.13
CA GLY A 269 6.84 5.79 14.34
C GLY A 269 7.68 5.61 13.09
N ASN A 270 7.11 5.69 11.89
CA ASN A 270 7.88 5.51 10.68
C ASN A 270 8.72 6.76 10.38
N ASP A 271 9.82 6.54 9.66
CA ASP A 271 10.74 7.65 9.35
C ASP A 271 10.14 8.63 8.35
N ALA A 272 9.37 8.12 7.39
CA ALA A 272 8.71 8.95 6.40
C ALA A 272 7.24 9.09 6.80
N ALA A 273 6.43 9.62 5.88
CA ALA A 273 5.00 9.75 6.12
C ALA A 273 4.40 8.41 6.52
N GLY A 274 3.33 8.46 7.33
CA GLY A 274 2.65 7.24 7.68
C GLY A 274 2.02 6.57 6.47
N VAL A 275 1.30 7.36 5.67
CA VAL A 275 0.64 6.87 4.46
C VAL A 275 1.02 7.80 3.32
N ARG A 276 1.49 7.21 2.22
CA ARG A 276 1.83 7.95 1.02
C ARG A 276 1.13 7.31 -0.16
N VAL A 277 0.43 8.12 -0.94
CA VAL A 277 -0.38 7.66 -2.06
C VAL A 277 0.07 8.41 -3.30
N ARG A 278 0.56 7.67 -4.31
CA ARG A 278 1.19 8.28 -5.48
C ARG A 278 0.54 7.75 -6.74
N GLY A 279 -0.25 8.60 -7.41
CA GLY A 279 -0.92 8.22 -8.64
C GLY A 279 -1.77 6.98 -8.50
N VAL A 280 -2.84 7.06 -7.70
CA VAL A 280 -3.68 5.92 -7.39
C VAL A 280 -5.11 6.25 -7.81
N ASP A 281 -5.69 5.38 -8.66
CA ASP A 281 -7.03 5.59 -9.21
C ASP A 281 -8.03 4.81 -8.36
N GLY A 282 -8.60 5.49 -7.37
CA GLY A 282 -9.50 4.86 -6.44
C GLY A 282 -8.75 4.53 -5.17
N MET A 283 -8.88 5.38 -4.16
CA MET A 283 -8.16 5.26 -2.90
C MET A 283 -9.14 5.52 -1.78
N GLN A 284 -9.27 4.55 -0.87
CA GLN A 284 -10.04 4.73 0.35
C GLN A 284 -9.11 4.63 1.54
N LEU A 285 -9.16 5.64 2.41
CA LEU A 285 -8.29 5.76 3.57
C LEU A 285 -9.22 6.09 4.73
N LEU A 286 -9.72 5.05 5.40
CA LEU A 286 -10.79 5.20 6.39
C LEU A 286 -10.35 4.67 7.74
N ASP A 287 -10.71 5.43 8.79
CA ASP A 287 -10.71 4.93 10.16
C ASP A 287 -9.35 4.38 10.58
N ASN A 288 -8.29 5.08 10.21
CA ASN A 288 -6.94 4.70 10.59
C ASN A 288 -6.45 5.53 11.77
N ASP A 289 -5.48 5.00 12.48
CA ASP A 289 -4.83 5.65 13.63
C ASP A 289 -3.40 5.97 13.21
N ILE A 290 -3.14 7.24 12.90
CA ILE A 290 -1.90 7.67 12.28
C ILE A 290 -1.27 8.76 13.14
N HIS A 291 -0.06 8.48 13.65
CA HIS A 291 0.58 9.44 14.55
C HIS A 291 2.09 9.20 14.55
N ASP A 292 2.83 10.24 14.93
CA ASP A 292 4.27 10.14 15.23
C ASP A 292 5.06 9.53 14.08
N ASN A 293 4.72 9.90 12.85
CA ASN A 293 5.50 9.50 11.70
C ASN A 293 6.41 10.67 11.29
N ALA A 294 7.09 10.52 10.16
CA ALA A 294 8.08 11.48 9.70
C ALA A 294 9.18 11.69 10.74
N GLN A 295 9.60 10.59 11.37
CA GLN A 295 10.65 10.69 12.40
C GLN A 295 12.01 11.03 11.78
N GLY A 296 12.21 10.71 10.51
CA GLY A 296 13.45 11.04 9.82
C GLY A 296 13.43 12.39 9.16
N GLY A 297 12.46 13.23 9.50
CA GLY A 297 12.22 14.47 8.78
C GLY A 297 11.02 14.34 7.84
N GLY A 298 10.43 15.48 7.52
CA GLY A 298 9.22 15.49 6.73
C GLY A 298 8.11 16.23 7.45
N LYS A 299 7.11 16.69 6.70
CA LYS A 299 6.13 17.61 7.25
C LYS A 299 4.71 17.03 7.29
N ALA A 300 4.51 15.79 6.84
CA ALA A 300 3.16 15.27 6.64
C ALA A 300 3.03 13.85 7.16
N GLU A 301 1.94 13.59 7.87
CA GLU A 301 1.58 12.22 8.23
C GLU A 301 0.96 11.47 7.05
N ILE A 302 0.20 12.17 6.20
CA ILE A 302 -0.47 11.58 5.05
C ILE A 302 -0.14 12.41 3.83
N VAL A 303 0.28 11.75 2.75
CA VAL A 303 0.60 12.40 1.49
C VAL A 303 -0.20 11.76 0.37
N LEU A 304 -1.06 12.54 -0.27
CA LEU A 304 -1.67 12.16 -1.54
C LEU A 304 -1.04 13.03 -2.64
N GLU A 305 -0.54 12.39 -3.68
CA GLU A 305 0.09 13.10 -4.78
C GLU A 305 -0.08 12.28 -6.06
N ASP A 306 0.34 12.86 -7.17
CA ASP A 306 0.34 12.15 -8.44
C ASP A 306 1.63 11.33 -8.56
N TYR A 307 1.70 10.53 -9.64
CA TYR A 307 2.96 9.89 -10.04
C TYR A 307 3.21 10.24 -11.51
N ASP A 308 4.28 10.98 -11.76
CA ASP A 308 4.65 11.42 -13.10
C ASP A 308 5.66 10.43 -13.66
N ASP A 309 5.20 9.52 -14.52
CA ASP A 309 6.06 8.57 -15.19
C ASP A 309 6.31 8.95 -16.66
N ARG A 310 6.21 10.24 -16.99
CA ARG A 310 6.36 10.66 -18.38
C ARG A 310 7.78 10.43 -18.89
N ASP A 311 8.77 10.58 -18.04
CA ASP A 311 10.14 10.26 -18.40
C ASP A 311 10.54 8.84 -18.01
N GLY A 312 9.60 8.05 -17.49
CA GLY A 312 9.85 6.67 -17.11
C GLY A 312 9.49 5.70 -18.21
N VAL A 313 9.31 4.44 -17.81
CA VAL A 313 9.13 3.36 -18.79
C VAL A 313 7.79 3.47 -19.51
N SER A 314 6.74 3.91 -18.81
CA SER A 314 5.42 3.98 -19.42
C SER A 314 5.15 5.28 -20.16
N GLY A 315 5.85 6.36 -19.82
CA GLY A 315 5.61 7.63 -20.48
C GLY A 315 4.28 8.27 -20.14
N ASN A 316 3.62 7.83 -19.09
CA ASN A 316 2.30 8.33 -18.72
C ASN A 316 2.38 9.16 -17.44
N TYR A 317 1.40 10.04 -17.28
CA TYR A 317 1.20 10.79 -16.03
C TYR A 317 0.01 10.19 -15.32
N TYR A 318 0.20 9.77 -14.07
CA TYR A 318 -0.82 9.08 -13.30
C TYR A 318 -1.30 9.99 -12.17
N GLU A 319 -2.53 10.45 -12.28
CA GLU A 319 -3.13 11.26 -11.24
C GLU A 319 -3.68 10.38 -10.13
N THR A 320 -3.70 10.92 -8.92
CA THR A 320 -4.51 10.32 -7.87
C THR A 320 -5.95 10.76 -8.08
N LEU A 321 -6.86 9.79 -8.11
CA LEU A 321 -8.24 10.02 -8.52
C LEU A 321 -9.17 9.26 -7.58
N ASN A 322 -10.40 9.74 -7.48
CA ASN A 322 -11.48 9.04 -6.82
C ASN A 322 -11.08 8.63 -5.41
N ALA A 323 -10.70 9.62 -4.61
CA ALA A 323 -10.19 9.42 -3.27
C ALA A 323 -11.29 9.65 -2.24
N THR A 324 -11.33 8.77 -1.22
CA THR A 324 -12.19 8.95 -0.06
C THR A 324 -11.31 8.84 1.18
N VAL A 325 -11.18 9.94 1.91
CA VAL A 325 -10.38 9.99 3.14
C VAL A 325 -11.30 10.46 4.24
N GLN A 326 -11.69 9.55 5.14
CA GLN A 326 -12.66 9.84 6.19
C GLN A 326 -12.32 9.06 7.45
N GLY A 327 -12.71 9.62 8.60
CA GLY A 327 -12.69 8.89 9.84
C GLY A 327 -11.32 8.63 10.44
N ASN A 328 -10.27 9.23 9.88
CA ASN A 328 -8.91 8.97 10.34
C ASN A 328 -8.56 9.86 11.53
N ARG A 329 -7.84 9.27 12.47
CA ARG A 329 -7.19 10.01 13.56
C ARG A 329 -5.76 10.26 13.12
N VAL A 330 -5.40 11.53 12.94
CA VAL A 330 -4.11 11.91 12.37
C VAL A 330 -3.50 13.00 13.25
N ALA A 331 -2.42 12.65 13.95
CA ALA A 331 -1.72 13.61 14.82
C ALA A 331 -0.65 14.35 14.04
N GLY A 332 -1.08 15.05 13.01
CA GLY A 332 -0.18 15.77 12.14
C GLY A 332 -0.87 16.19 10.86
N ALA A 333 -0.08 16.79 9.97
CA ALA A 333 -0.62 17.38 8.76
C ALA A 333 -0.95 16.31 7.72
N ALA A 334 -2.08 16.49 7.05
CA ALA A 334 -2.48 15.63 5.94
C ALA A 334 -2.50 16.46 4.67
N GLN A 335 -1.82 15.98 3.64
CA GLN A 335 -1.82 16.60 2.32
C GLN A 335 -2.74 15.79 1.42
N LEU A 336 -3.97 16.28 1.24
CA LEU A 336 -5.02 15.55 0.54
C LEU A 336 -5.29 16.26 -0.78
N LEU A 337 -4.65 15.78 -1.85
CA LEU A 337 -4.77 16.34 -3.17
C LEU A 337 -5.32 15.29 -4.11
N SER A 338 -6.34 15.65 -4.89
CA SER A 338 -6.92 14.74 -5.86
C SER A 338 -7.25 15.53 -7.13
N SER A 339 -7.91 14.88 -8.08
CA SER A 339 -8.10 15.42 -9.42
CA SER A 339 -8.10 15.44 -9.41
C SER A 339 -9.51 15.09 -9.88
N GLU A 340 -9.74 15.19 -11.19
CA GLU A 340 -11.03 14.98 -11.83
C GLU A 340 -11.83 13.84 -11.21
N GLY A 341 -13.13 14.08 -11.04
CA GLY A 341 -14.01 13.16 -10.35
C GLY A 341 -14.37 13.67 -8.96
N ARG A 342 -15.32 12.97 -8.34
CA ARG A 342 -15.82 13.36 -7.03
C ARG A 342 -14.90 12.82 -5.94
N ASP A 343 -14.37 13.71 -5.10
CA ASP A 343 -13.52 13.33 -3.99
C ASP A 343 -14.15 13.76 -2.67
N LEU A 344 -13.99 12.92 -1.65
CA LEU A 344 -14.42 13.23 -0.29
C LEU A 344 -13.18 13.21 0.59
N LEU A 345 -12.72 14.38 1.00
CA LEU A 345 -11.46 14.52 1.70
C LEU A 345 -11.71 15.20 3.04
N ASP A 346 -11.53 14.45 4.13
CA ASP A 346 -11.64 14.98 5.48
C ASP A 346 -10.26 14.99 6.13
N GLY A 347 -9.86 16.16 6.63
CA GLY A 347 -8.69 16.27 7.45
C GLY A 347 -8.98 15.85 8.89
N ALA A 348 -7.97 16.04 9.73
CA ALA A 348 -8.03 15.60 11.12
C ALA A 348 -7.37 16.69 11.97
N ALA A 349 -6.94 16.31 13.18
CA ALA A 349 -6.44 17.28 14.16
C ALA A 349 -5.32 18.18 13.63
N GLY A 350 -4.63 17.80 12.55
CA GLY A 350 -3.50 18.58 12.09
C GLY A 350 -3.88 19.77 11.21
N ASN A 351 -2.86 20.55 10.86
CA ASN A 351 -3.02 21.66 9.91
C ASN A 351 -2.89 21.08 8.50
N ASP A 352 -4.02 20.84 7.85
CA ASP A 352 -4.07 20.07 6.62
C ASP A 352 -4.22 20.97 5.40
N LEU A 353 -3.81 20.44 4.25
CA LEU A 353 -4.00 21.07 2.96
C LEU A 353 -4.96 20.22 2.14
N LEU A 354 -6.03 20.84 1.63
CA LEU A 354 -7.06 20.10 0.92
C LEU A 354 -7.30 20.71 -0.45
N ASP A 355 -7.32 19.85 -1.48
CA ASP A 355 -7.56 20.28 -2.85
C ASP A 355 -8.12 19.08 -3.61
N GLY A 356 -9.40 19.14 -3.96
CA GLY A 356 -10.01 18.09 -4.73
C GLY A 356 -9.85 18.20 -6.23
N GLY A 357 -9.20 19.26 -6.73
CA GLY A 357 -9.00 19.40 -8.16
C GLY A 357 -10.32 19.55 -8.90
N ALA A 358 -10.36 19.04 -10.12
CA ALA A 358 -11.58 19.08 -10.92
C ALA A 358 -12.67 18.22 -10.29
N GLY A 359 -13.91 18.45 -10.73
CA GLY A 359 -15.04 17.69 -10.25
C GLY A 359 -15.61 18.24 -8.96
N ARG A 360 -16.81 17.75 -8.61
CA ARG A 360 -17.50 18.19 -7.41
C ARG A 360 -16.96 17.45 -6.20
N ASP A 361 -16.32 18.17 -5.29
CA ASP A 361 -15.68 17.58 -4.13
C ASP A 361 -16.28 18.12 -2.84
N THR A 362 -16.27 17.29 -1.81
CA THR A 362 -16.67 17.68 -0.47
C THR A 362 -15.44 17.61 0.42
N LEU A 363 -15.10 18.75 1.03
CA LEU A 363 -13.90 18.87 1.84
C LEU A 363 -14.24 19.26 3.26
N SER A 364 -13.46 18.77 4.21
CA SER A 364 -13.61 19.14 5.61
C SER A 364 -12.24 19.13 6.26
N GLY A 365 -12.00 20.10 7.13
CA GLY A 365 -10.70 20.22 7.76
C GLY A 365 -10.57 19.48 9.07
N GLY A 366 -11.65 19.41 9.84
CA GLY A 366 -11.51 18.89 11.19
C GLY A 366 -10.82 19.89 12.08
N GLY A 367 -10.15 19.39 13.11
CA GLY A 367 -9.44 20.25 14.04
C GLY A 367 -8.25 20.95 13.38
N GLY A 368 -7.72 21.94 14.07
CA GLY A 368 -6.57 22.67 13.58
C GLY A 368 -6.92 23.72 12.53
N ALA A 369 -5.87 24.33 11.98
CA ALA A 369 -6.01 25.38 10.97
C ALA A 369 -5.70 24.78 9.60
N ASP A 370 -6.71 24.68 8.75
CA ASP A 370 -6.60 23.98 7.48
C ASP A 370 -6.75 24.95 6.31
N THR A 371 -6.05 24.62 5.22
CA THR A 371 -6.08 25.42 4.00
C THR A 371 -6.82 24.64 2.92
N PHE A 372 -7.88 25.24 2.38
CA PHE A 372 -8.64 24.67 1.27
C PHE A 372 -8.22 25.39 0.00
N ARG A 373 -7.46 24.70 -0.84
CA ARG A 373 -6.88 25.30 -2.04
C ARG A 373 -7.76 25.04 -3.24
N PHE A 374 -7.99 26.08 -4.03
CA PHE A 374 -8.66 25.96 -5.32
C PHE A 374 -7.70 26.51 -6.36
N ALA A 375 -7.11 25.61 -7.15
CA ALA A 375 -6.02 25.95 -8.05
C ALA A 375 -6.48 26.46 -9.40
N ASP A 376 -7.70 26.10 -9.83
CA ASP A 376 -8.18 26.42 -11.16
C ASP A 376 -9.64 26.85 -11.07
N ARG A 377 -10.00 27.89 -11.84
CA ARG A 377 -11.36 28.39 -11.80
C ARG A 377 -12.39 27.35 -12.21
N GLN A 378 -11.99 26.35 -12.98
CA GLN A 378 -12.88 25.29 -13.42
C GLN A 378 -12.91 24.10 -12.46
N ASP A 379 -12.26 24.21 -11.30
CA ASP A 379 -12.30 23.14 -10.30
C ASP A 379 -13.55 23.21 -9.43
N SER A 380 -14.29 24.31 -9.47
CA SER A 380 -15.52 24.45 -8.68
C SER A 380 -16.35 25.54 -9.36
N PHE A 381 -17.43 25.15 -10.03
CA PHE A 381 -18.14 26.11 -10.85
C PHE A 381 -19.60 25.71 -11.05
N ARG A 382 -20.40 26.72 -11.44
CA ARG A 382 -21.80 26.57 -11.82
C ARG A 382 -21.95 26.98 -13.28
N ASN A 383 -22.67 26.18 -14.07
CA ASN A 383 -22.68 26.32 -15.52
C ASN A 383 -23.79 27.27 -15.99
N TYR A 384 -23.92 27.39 -17.32
CA TYR A 384 -24.84 28.35 -17.92
C TYR A 384 -26.30 28.03 -17.58
N GLU A 385 -26.61 26.76 -17.31
CA GLU A 385 -27.95 26.39 -16.88
C GLU A 385 -28.18 26.59 -15.40
N GLY A 386 -27.17 27.01 -14.65
CA GLY A 386 -27.26 27.07 -13.21
C GLY A 386 -27.13 25.74 -12.51
N ASP A 387 -26.63 24.71 -13.22
CA ASP A 387 -26.47 23.38 -12.63
C ASP A 387 -25.47 23.46 -11.47
N THR A 388 -25.99 23.32 -10.25
CA THR A 388 -25.18 23.51 -9.05
C THR A 388 -24.20 22.36 -8.81
N SER A 389 -24.38 21.23 -9.48
CA SER A 389 -23.35 20.21 -9.47
C SER A 389 -22.10 20.76 -10.14
N ARG A 390 -20.94 20.21 -9.74
CA ARG A 390 -19.59 20.67 -10.03
C ARG A 390 -19.18 21.83 -9.12
N VAL A 391 -20.00 22.23 -8.15
CA VAL A 391 -19.63 23.21 -7.14
C VAL A 391 -19.17 22.46 -5.90
N ASP A 392 -17.96 22.75 -5.44
CA ASP A 392 -17.43 22.17 -4.23
C ASP A 392 -18.18 22.70 -3.00
N ASP A 393 -18.16 21.92 -1.92
CA ASP A 393 -18.66 22.41 -0.64
C ASP A 393 -17.66 22.07 0.46
N ILE A 394 -17.44 23.03 1.36
CA ILE A 394 -16.59 22.85 2.53
C ILE A 394 -17.50 22.68 3.74
N VAL A 395 -17.31 21.57 4.47
CA VAL A 395 -18.27 21.19 5.51
C VAL A 395 -18.13 22.08 6.74
N ASP A 396 -16.90 22.35 7.17
CA ASP A 396 -16.67 22.90 8.51
C ASP A 396 -15.70 24.07 8.47
N PHE A 397 -15.85 24.97 7.50
CA PHE A 397 -14.92 26.10 7.45
C PHE A 397 -15.06 26.95 8.70
N THR A 398 -13.93 27.25 9.33
CA THR A 398 -13.89 27.92 10.62
C THR A 398 -13.25 29.29 10.43
N PRO A 399 -14.05 30.36 10.36
CA PRO A 399 -13.46 31.70 10.18
C PRO A 399 -12.52 32.03 11.33
N GLY A 400 -11.41 32.69 10.98
CA GLY A 400 -10.37 33.01 11.92
C GLY A 400 -9.32 31.94 12.11
N ALA A 401 -9.59 30.71 11.70
CA ALA A 401 -8.63 29.61 11.79
C ALA A 401 -8.26 29.03 10.44
N ASP A 402 -9.25 28.64 9.63
CA ASP A 402 -8.98 28.03 8.34
C ASP A 402 -8.70 29.12 7.29
N LEU A 403 -8.34 28.67 6.08
CA LEU A 403 -8.02 29.58 4.99
C LEU A 403 -8.50 29.00 3.67
N ILE A 404 -9.10 29.85 2.84
CA ILE A 404 -9.44 29.51 1.46
C ILE A 404 -8.33 30.06 0.56
N ASP A 405 -7.65 29.19 -0.16
CA ASP A 405 -6.51 29.58 -0.98
C ASP A 405 -6.98 29.74 -2.42
N LEU A 406 -7.20 30.99 -2.82
CA LEU A 406 -7.50 31.35 -4.20
C LEU A 406 -6.34 32.08 -4.86
N SER A 407 -5.13 31.93 -4.30
CA SER A 407 -3.99 32.74 -4.70
C SER A 407 -3.64 32.60 -6.18
N GLY A 408 -4.03 31.51 -6.83
CA GLY A 408 -3.76 31.36 -8.24
C GLY A 408 -4.89 31.76 -9.17
N LEU A 409 -6.03 32.20 -8.63
CA LEU A 409 -7.22 32.40 -9.47
C LEU A 409 -7.32 33.80 -10.06
N GLY A 410 -6.62 34.78 -9.51
CA GLY A 410 -6.63 36.11 -10.10
C GLY A 410 -7.83 36.97 -9.74
N TYR A 411 -8.36 36.83 -8.53
CA TYR A 411 -9.40 37.71 -8.03
C TYR A 411 -8.79 38.72 -7.06
N SER A 412 -9.31 39.95 -7.09
CA SER A 412 -8.76 41.03 -6.29
C SER A 412 -9.17 40.96 -4.83
N GLY A 413 -10.38 40.48 -4.55
CA GLY A 413 -10.86 40.42 -3.19
C GLY A 413 -12.37 40.24 -3.17
N LEU A 414 -12.94 40.40 -1.98
CA LEU A 414 -14.38 40.34 -1.84
C LEU A 414 -15.03 41.58 -2.42
N GLY A 415 -16.25 41.41 -2.95
CA GLY A 415 -16.99 42.51 -3.53
C GLY A 415 -18.37 42.13 -4.02
N ASP A 416 -18.81 42.73 -5.12
CA ASP A 416 -20.14 42.47 -5.66
C ASP A 416 -20.18 41.29 -6.62
N GLY A 417 -19.05 40.60 -6.82
CA GLY A 417 -19.00 39.46 -7.71
C GLY A 417 -18.64 39.79 -9.15
N TYR A 418 -18.47 41.06 -9.48
CA TYR A 418 -18.06 41.48 -10.81
C TYR A 418 -16.68 42.11 -10.75
N ASN A 419 -16.08 42.30 -11.93
CA ASN A 419 -14.81 43.02 -12.07
C ASN A 419 -13.69 42.38 -11.27
N GLY A 420 -13.69 41.05 -11.21
CA GLY A 420 -12.64 40.34 -10.51
C GLY A 420 -12.82 40.22 -9.01
N THR A 421 -13.96 40.65 -8.47
CA THR A 421 -14.27 40.41 -7.07
C THR A 421 -15.18 39.19 -6.95
N LEU A 422 -15.25 38.66 -5.73
CA LEU A 422 -16.11 37.53 -5.42
C LEU A 422 -17.18 37.98 -4.44
N ALA A 423 -18.42 37.61 -4.71
CA ALA A 423 -19.54 37.97 -3.86
C ALA A 423 -19.78 36.89 -2.81
N LEU A 424 -20.08 37.31 -1.59
CA LEU A 424 -20.37 36.41 -0.48
C LEU A 424 -21.88 36.41 -0.24
N LEU A 425 -22.53 35.32 -0.62
CA LEU A 425 -23.99 35.23 -0.60
C LEU A 425 -24.45 34.13 0.36
N LEU A 426 -25.72 34.21 0.71
CA LEU A 426 -26.42 33.20 1.49
C LEU A 426 -27.60 32.67 0.69
N ASN A 427 -27.79 31.35 0.71
CA ASN A 427 -28.92 30.76 0.03
C ASN A 427 -30.21 31.05 0.80
N GLU A 428 -31.34 30.72 0.18
CA GLU A 428 -32.63 31.14 0.73
C GLU A 428 -32.88 30.53 2.10
N ASP A 429 -32.68 29.22 2.24
CA ASP A 429 -32.99 28.55 3.50
C ASP A 429 -31.96 28.80 4.60
N GLY A 430 -30.93 29.59 4.33
CA GLY A 430 -29.97 29.96 5.35
C GLY A 430 -28.94 28.91 5.69
N THR A 431 -28.85 27.84 4.92
CA THR A 431 -28.00 26.71 5.28
C THR A 431 -26.62 26.74 4.63
N LYS A 432 -26.41 27.52 3.57
CA LYS A 432 -25.15 27.50 2.84
C LYS A 432 -24.74 28.91 2.47
N THR A 433 -23.43 29.16 2.53
CA THR A 433 -22.83 30.42 2.14
C THR A 433 -21.97 30.21 0.90
N TYR A 434 -22.18 31.04 -0.12
CA TYR A 434 -21.54 30.87 -1.41
C TYR A 434 -20.55 32.00 -1.67
N LEU A 435 -19.36 31.62 -2.17
CA LEU A 435 -18.44 32.55 -2.82
C LEU A 435 -18.64 32.41 -4.32
N LYS A 436 -19.12 33.47 -4.97
CA LYS A 436 -19.51 33.39 -6.36
C LYS A 436 -18.86 34.49 -7.19
N ASP A 437 -18.32 34.11 -8.35
CA ASP A 437 -17.97 35.05 -9.41
C ASP A 437 -19.20 35.23 -10.29
N ARG A 438 -19.81 36.42 -10.25
CA ARG A 438 -21.01 36.68 -11.04
C ARG A 438 -20.72 36.86 -12.52
N GLN A 439 -19.46 36.97 -12.92
CA GLN A 439 -19.10 37.15 -14.32
C GLN A 439 -18.89 35.81 -14.98
N ALA A 440 -19.71 35.51 -15.99
CA ALA A 440 -19.54 34.27 -16.74
C ALA A 440 -18.30 34.35 -17.63
N ASP A 441 -17.59 33.23 -17.75
CA ASP A 441 -16.48 33.16 -18.70
C ASP A 441 -17.05 32.79 -20.07
N ALA A 442 -16.15 32.51 -21.03
CA ALA A 442 -16.58 32.31 -22.42
C ALA A 442 -17.52 31.11 -22.55
N GLN A 443 -17.38 30.11 -21.68
CA GLN A 443 -18.20 28.90 -21.76
C GLN A 443 -19.47 29.00 -20.92
N GLY A 444 -19.75 30.15 -20.31
CA GLY A 444 -20.90 30.31 -19.46
C GLY A 444 -20.70 29.87 -18.02
N ASN A 445 -19.47 29.55 -17.62
CA ASN A 445 -19.18 29.03 -16.30
C ASN A 445 -18.95 30.16 -15.30
N HIS A 446 -19.35 29.92 -14.06
CA HIS A 446 -19.12 30.82 -12.94
C HIS A 446 -18.32 30.10 -11.88
N PHE A 447 -17.15 30.61 -11.54
CA PHE A 447 -16.43 30.07 -10.39
C PHE A 447 -17.27 30.26 -9.12
N GLU A 448 -17.32 29.21 -8.30
CA GLU A 448 -18.24 29.23 -7.17
C GLU A 448 -17.84 28.18 -6.16
N ILE A 449 -17.86 28.54 -4.88
CA ILE A 449 -17.62 27.64 -3.77
C ILE A 449 -18.79 27.75 -2.80
N ALA A 450 -19.24 26.60 -2.29
CA ALA A 450 -20.29 26.56 -1.27
C ALA A 450 -19.66 26.25 0.08
N LEU A 451 -20.04 27.01 1.10
CA LEU A 451 -19.62 26.76 2.47
C LEU A 451 -20.86 26.42 3.30
N ASP A 452 -20.89 25.19 3.81
CA ASP A 452 -22.02 24.76 4.63
C ASP A 452 -22.09 25.61 5.90
N GLY A 453 -23.30 26.08 6.22
CA GLY A 453 -23.51 26.98 7.32
C GLY A 453 -23.68 28.41 6.87
N ASN A 454 -24.07 29.25 7.83
CA ASN A 454 -24.21 30.68 7.63
C ASN A 454 -22.94 31.38 8.09
N LEU A 455 -22.14 31.83 7.13
CA LEU A 455 -20.87 32.50 7.42
C LEU A 455 -20.77 33.87 6.78
N VAL A 456 -21.87 34.41 6.25
CA VAL A 456 -21.83 35.73 5.62
C VAL A 456 -21.46 36.82 6.61
N ASP A 457 -21.67 36.59 7.90
CA ASP A 457 -21.33 37.56 8.92
C ASP A 457 -20.00 37.26 9.61
N SER A 458 -19.61 35.99 9.71
CA SER A 458 -18.37 35.64 10.40
C SER A 458 -17.15 35.61 9.48
N LEU A 459 -17.35 35.35 8.19
CA LEU A 459 -16.22 35.26 7.26
C LEU A 459 -15.77 36.66 6.87
N SER A 460 -14.46 36.89 6.94
CA SER A 460 -13.84 38.18 6.64
C SER A 460 -12.78 38.00 5.56
N ALA A 461 -12.20 39.13 5.15
CA ALA A 461 -11.23 39.11 4.05
C ALA A 461 -9.96 38.35 4.42
N THR A 462 -9.62 38.30 5.72
CA THR A 462 -8.41 37.60 6.14
C THR A 462 -8.56 36.09 6.09
N ASP A 463 -9.75 35.57 5.82
CA ASP A 463 -9.96 34.14 5.68
C ASP A 463 -9.72 33.63 4.26
N ILE A 464 -9.43 34.52 3.31
CA ILE A 464 -9.20 34.16 1.92
C ILE A 464 -7.88 34.77 1.47
N ALA A 465 -7.03 33.95 0.85
CA ALA A 465 -5.78 34.41 0.24
C ALA A 465 -6.03 34.62 -1.25
N PHE A 466 -6.05 35.87 -1.69
CA PHE A 466 -6.37 36.20 -3.06
C PHE A 466 -5.16 36.29 -3.98
N ASP A 467 -3.95 36.32 -3.44
CA ASP A 467 -2.74 36.32 -4.27
C ASP A 467 -1.60 35.65 -3.49
N ALA A 468 -0.44 35.55 -4.14
CA ALA A 468 0.69 34.86 -3.56
C ALA A 468 1.18 35.55 -2.28
N THR A 469 1.19 36.87 -2.27
CA THR A 469 1.62 37.60 -1.07
C THR A 469 0.73 37.27 0.11
N GLN A 470 -0.58 37.29 -0.10
CA GLN A 470 -1.51 36.98 0.98
C GLN A 470 -1.37 35.53 1.43
N LEU A 471 -1.07 34.62 0.51
CA LEU A 471 -0.85 33.23 0.90
C LEU A 471 0.39 33.09 1.77
N GLU A 472 1.44 33.86 1.47
CA GLU A 472 2.64 33.83 2.31
C GLU A 472 2.32 34.27 3.73
N LEU A 473 1.47 35.28 3.89
CA LEU A 473 1.15 35.79 5.21
C LEU A 473 0.16 34.90 5.96
N LEU A 474 -0.78 34.27 5.25
CA LEU A 474 -1.93 33.63 5.89
C LEU A 474 -1.89 32.11 5.86
N GLY A 475 -0.97 31.50 5.11
CA GLY A 475 -0.94 30.07 4.96
C GLY A 475 -0.85 29.31 6.27
N THR A 476 -1.77 28.36 6.47
CA THR A 476 -1.85 27.61 7.72
C THR A 476 -0.96 26.37 7.74
N THR A 477 -0.27 26.07 6.63
CA THR A 477 0.52 24.87 6.51
C THR A 477 1.91 25.21 5.99
N ASP A 478 2.85 24.29 6.21
CA ASP A 478 4.14 24.33 5.55
C ASP A 478 4.19 23.39 4.35
N LEU A 479 3.04 22.85 3.95
CA LEU A 479 2.95 21.91 2.84
C LEU A 479 2.91 22.58 1.47
N GLN A 480 2.85 23.90 1.41
CA GLN A 480 2.80 24.62 0.13
C GLN A 480 4.17 25.17 -0.24
#